data_1QHV
#
_entry.id   1QHV
#
_cell.length_a   95.350
_cell.length_b   95.350
_cell.length_c   48.800
_cell.angle_alpha   90.00
_cell.angle_beta   90.00
_cell.angle_gamma   120.00
#
_symmetry.space_group_name_H-M   'P 3 2 1'
#
loop_
_entity.id
_entity.type
_entity.pdbx_description
1 polymer 'PROTEIN (ADENOVIRUS FIBRE)'
2 non-polymer 'SULFATE ION'
3 water water
#
_entity_poly.entity_id   1
_entity_poly.type   'polypeptide(L)'
_entity_poly.pdbx_seq_one_letter_code
;AITIGNKNDDKLTLWTTPDPSPNCRIHSDNDCKFTLVLTKCGSQVLATVAALAVSGDLSSMTGTVASVSIFLRFDQNGVL
MENSSLKKHYWNFRNGNSTNANPYTNAVGFMPNLLAYPKTQSQTAKNNIVSQVYLHGDKTKPMILTITLNGTSESTETSE
VSTYSMSFTWSWESGKYTTETFATNSYTFSYIAQE
;
_entity_poly.pdbx_strand_id   A
#
# COMPACT_ATOMS: atom_id res chain seq x y z
N ALA A 1 32.33 -18.63 14.95
CA ALA A 1 31.27 -17.61 14.79
C ALA A 1 29.90 -18.29 14.71
N ILE A 2 28.88 -17.59 15.17
CA ILE A 2 27.52 -18.08 15.10
C ILE A 2 26.62 -16.95 14.53
N THR A 3 26.18 -17.18 13.31
CA THR A 3 25.34 -16.18 12.62
C THR A 3 23.90 -16.63 12.68
N ILE A 4 23.02 -15.75 13.21
CA ILE A 4 21.61 -16.05 13.31
C ILE A 4 20.80 -15.09 12.43
N GLY A 5 19.59 -15.53 12.08
CA GLY A 5 18.76 -14.72 11.19
C GLY A 5 19.35 -14.59 9.81
N ASN A 6 19.98 -15.68 9.31
CA ASN A 6 20.63 -15.59 8.02
C ASN A 6 19.97 -16.44 6.95
N LYS A 7 18.65 -16.37 6.91
CA LYS A 7 17.87 -16.99 5.86
C LYS A 7 16.88 -15.88 5.37
N ASN A 8 16.92 -15.59 4.08
CA ASN A 8 16.04 -14.56 3.52
C ASN A 8 15.80 -14.85 2.03
N ASP A 9 14.68 -15.50 1.76
CA ASP A 9 14.36 -15.91 0.38
C ASP A 9 13.85 -14.71 -0.41
N ASP A 10 14.62 -14.23 -1.35
CA ASP A 10 14.28 -13.02 -2.10
C ASP A 10 12.92 -13.09 -2.77
N LYS A 11 12.49 -14.29 -3.19
CA LYS A 11 11.22 -14.40 -3.90
C LYS A 11 10.01 -14.36 -2.98
N LEU A 12 10.26 -14.32 -1.67
CA LEU A 12 9.19 -14.21 -0.71
C LEU A 12 9.02 -12.78 -0.18
N THR A 13 9.66 -11.83 -0.84
CA THR A 13 9.45 -10.42 -0.57
C THR A 13 9.05 -9.70 -1.85
N LEU A 14 8.03 -8.91 -1.78
CA LEU A 14 7.59 -8.04 -2.91
C LEU A 14 7.53 -6.62 -2.30
N TRP A 15 8.32 -5.70 -2.82
CA TRP A 15 8.45 -4.41 -2.15
C TRP A 15 8.75 -3.27 -3.11
N THR A 16 8.60 -2.06 -2.56
CA THR A 16 8.93 -0.82 -3.24
C THR A 16 10.42 -0.48 -3.09
N THR A 17 11.21 -1.38 -2.55
CA THR A 17 12.53 -1.13 -2.01
C THR A 17 12.32 -0.48 -0.61
N PRO A 18 13.27 -0.58 0.28
CA PRO A 18 13.08 -0.09 1.64
C PRO A 18 13.19 1.40 1.77
N ASP A 19 13.76 2.07 0.78
CA ASP A 19 14.00 3.49 0.77
C ASP A 19 13.71 4.06 -0.61
N PRO A 20 12.44 4.07 -1.00
CA PRO A 20 12.09 4.51 -2.34
C PRO A 20 12.29 5.99 -2.56
N SER A 21 12.68 6.30 -3.81
CA SER A 21 12.60 7.72 -4.25
C SER A 21 11.13 8.00 -4.53
N PRO A 22 10.79 9.24 -4.83
CA PRO A 22 9.36 9.56 -5.11
C PRO A 22 8.84 8.58 -6.13
N ASN A 23 7.73 7.88 -5.76
CA ASN A 23 7.25 6.79 -6.59
C ASN A 23 5.76 6.65 -6.60
N CYS A 24 5.07 7.67 -6.09
CA CYS A 24 3.65 7.59 -5.88
C CYS A 24 2.97 8.95 -6.04
N ARG A 25 1.73 8.92 -6.46
CA ARG A 25 0.89 10.08 -6.62
C ARG A 25 -0.29 10.06 -5.65
N ILE A 26 -0.38 11.11 -4.85
CA ILE A 26 -1.54 11.37 -4.01
C ILE A 26 -2.43 12.41 -4.72
N HIS A 27 -1.82 13.54 -5.07
CA HIS A 27 -2.53 14.60 -5.79
C HIS A 27 -1.84 14.98 -7.08
N SER A 28 -0.53 14.93 -7.12
CA SER A 28 0.27 15.25 -8.28
C SER A 28 1.39 14.22 -8.46
N ASP A 29 1.88 14.08 -9.69
CA ASP A 29 2.89 13.07 -9.98
C ASP A 29 4.09 13.14 -9.03
N ASN A 30 4.46 11.96 -8.54
CA ASN A 30 5.63 11.80 -7.71
C ASN A 30 5.65 12.71 -6.51
N ASP A 31 4.49 12.93 -5.89
CA ASP A 31 4.44 13.80 -4.72
C ASP A 31 4.54 13.01 -3.41
N CYS A 32 4.85 11.73 -3.51
CA CYS A 32 4.90 10.87 -2.33
C CYS A 32 5.93 9.77 -2.48
N LYS A 33 6.63 9.50 -1.38
CA LYS A 33 7.48 8.35 -1.23
C LYS A 33 6.67 7.28 -0.44
N PHE A 34 6.24 6.28 -1.15
CA PHE A 34 5.40 5.22 -0.57
C PHE A 34 6.22 3.97 -0.36
N THR A 35 6.36 3.56 0.90
CA THR A 35 7.10 2.35 1.23
C THR A 35 6.11 1.23 1.60
N LEU A 36 6.22 0.12 0.88
CA LEU A 36 5.40 -1.04 1.16
C LEU A 36 6.22 -2.31 0.97
N VAL A 37 6.29 -3.09 2.02
CA VAL A 37 7.01 -4.34 2.00
C VAL A 37 6.04 -5.48 2.35
N LEU A 38 5.89 -6.40 1.42
CA LEU A 38 5.07 -7.57 1.56
C LEU A 38 5.97 -8.82 1.68
N THR A 39 5.77 -9.53 2.78
CA THR A 39 6.55 -10.77 2.99
C THR A 39 5.62 -11.95 3.12
N LYS A 40 5.79 -12.93 2.25
CA LYS A 40 4.91 -14.09 2.26
C LYS A 40 5.28 -15.05 3.39
N CYS A 41 4.31 -15.29 4.25
CA CYS A 41 4.38 -16.19 5.37
C CYS A 41 3.28 -17.27 5.24
N GLY A 42 3.46 -18.15 4.30
CA GLY A 42 2.48 -19.19 4.03
C GLY A 42 1.19 -18.61 3.50
N SER A 43 0.09 -18.84 4.25
CA SER A 43 -1.20 -18.40 3.84
C SER A 43 -1.50 -16.95 4.17
N GLN A 44 -0.55 -16.29 4.81
CA GLN A 44 -0.69 -14.87 5.11
C GLN A 44 0.51 -14.10 4.51
N VAL A 45 0.22 -12.83 4.21
CA VAL A 45 1.24 -11.89 3.85
C VAL A 45 1.42 -10.92 5.06
N LEU A 46 2.63 -10.79 5.51
CA LEU A 46 2.98 -9.82 6.57
C LEU A 46 3.48 -8.55 5.89
N ALA A 47 2.93 -7.40 6.27
CA ALA A 47 3.23 -6.17 5.57
C ALA A 47 3.55 -5.00 6.51
N THR A 48 4.44 -4.13 6.01
CA THR A 48 4.72 -2.88 6.68
C THR A 48 4.62 -1.76 5.64
N VAL A 49 3.95 -0.69 6.03
CA VAL A 49 3.68 0.43 5.12
C VAL A 49 3.97 1.76 5.75
N ALA A 50 4.50 2.69 4.95
CA ALA A 50 4.74 4.06 5.40
C ALA A 50 4.58 5.00 4.19
N ALA A 51 4.18 6.22 4.44
CA ALA A 51 4.04 7.20 3.35
C ALA A 51 4.62 8.55 3.77
N LEU A 52 5.22 9.24 2.82
CA LEU A 52 5.81 10.55 3.10
C LEU A 52 5.58 11.48 1.91
N ALA A 53 4.94 12.61 2.15
CA ALA A 53 4.76 13.62 1.09
C ALA A 53 6.10 14.31 0.84
N VAL A 54 6.40 14.58 -0.42
CA VAL A 54 7.65 15.31 -0.73
C VAL A 54 7.41 16.63 -1.43
N SER A 55 6.19 17.01 -1.77
CA SER A 55 5.98 18.23 -2.56
C SER A 55 5.18 19.30 -1.91
N GLY A 56 4.79 19.24 -0.66
CA GLY A 56 4.00 20.36 -0.07
C GLY A 56 3.16 19.86 1.12
N ASP A 57 2.31 20.73 1.65
CA ASP A 57 1.47 20.43 2.79
C ASP A 57 0.13 19.81 2.39
N LEU A 58 -0.63 19.40 3.44
CA LEU A 58 -1.89 18.69 3.15
C LEU A 58 -2.87 19.50 2.36
N SER A 59 -2.95 20.80 2.60
CA SER A 59 -3.91 21.62 1.82
C SER A 59 -3.57 21.58 0.35
N SER A 60 -2.28 21.45 0.02
CA SER A 60 -1.86 21.39 -1.37
C SER A 60 -2.11 20.05 -2.03
N MET A 61 -2.43 19.00 -1.27
CA MET A 61 -2.65 17.69 -1.88
C MET A 61 -4.00 17.10 -1.56
N THR A 62 -4.91 17.91 -1.01
CA THR A 62 -6.27 17.41 -0.78
C THR A 62 -7.27 18.41 -1.42
N GLY A 63 -8.44 17.93 -1.73
CA GLY A 63 -9.50 18.81 -2.27
C GLY A 63 -10.37 19.27 -1.07
N THR A 64 -11.63 18.89 -1.10
CA THR A 64 -12.55 19.23 -0.03
C THR A 64 -12.69 18.08 0.97
N VAL A 65 -11.99 16.99 0.72
CA VAL A 65 -12.03 15.83 1.62
C VAL A 65 -10.71 15.71 2.42
N ALA A 66 -10.87 15.54 3.70
CA ALA A 66 -9.83 15.35 4.68
C ALA A 66 -9.32 13.89 4.67
N SER A 67 -8.73 13.50 3.58
CA SER A 67 -8.18 12.16 3.43
C SER A 67 -7.11 12.12 2.34
N VAL A 68 -6.27 11.12 2.43
CA VAL A 68 -5.26 10.75 1.47
C VAL A 68 -5.47 9.25 1.15
N SER A 69 -5.56 8.92 -0.11
CA SER A 69 -5.78 7.52 -0.52
C SER A 69 -4.71 7.06 -1.51
N ILE A 70 -4.14 5.93 -1.27
CA ILE A 70 -3.14 5.31 -2.12
C ILE A 70 -3.66 3.90 -2.48
N PHE A 71 -3.85 3.68 -3.77
CA PHE A 71 -4.45 2.44 -4.24
C PHE A 71 -3.56 1.67 -5.18
N LEU A 72 -3.58 0.34 -5.00
CA LEU A 72 -2.81 -0.58 -5.80
C LEU A 72 -3.77 -1.56 -6.49
N ARG A 73 -3.72 -1.58 -7.82
CA ARG A 73 -4.58 -2.53 -8.57
C ARG A 73 -3.68 -3.58 -9.24
N PHE A 74 -4.13 -4.83 -9.23
CA PHE A 74 -3.37 -5.93 -9.81
C PHE A 74 -4.24 -6.75 -10.76
N ASP A 75 -3.60 -7.24 -11.82
CA ASP A 75 -4.32 -8.08 -12.78
C ASP A 75 -4.43 -9.50 -12.28
N GLN A 76 -4.91 -10.41 -13.11
CA GLN A 76 -5.14 -11.78 -12.70
C GLN A 76 -3.88 -12.53 -12.33
N ASN A 77 -2.71 -12.02 -12.75
CA ASN A 77 -1.43 -12.62 -12.42
C ASN A 77 -0.74 -11.89 -11.29
N GLY A 78 -1.42 -10.92 -10.68
CA GLY A 78 -0.84 -10.17 -9.58
C GLY A 78 0.11 -9.08 -10.01
N VAL A 79 0.12 -8.73 -11.29
CA VAL A 79 0.98 -7.67 -11.80
C VAL A 79 0.34 -6.31 -11.60
N LEU A 80 1.11 -5.34 -11.15
CA LEU A 80 0.60 -4.01 -10.86
C LEU A 80 0.10 -3.32 -12.15
N MET A 81 -1.11 -2.81 -12.08
CA MET A 81 -1.75 -2.12 -13.19
C MET A 81 -1.48 -0.65 -13.20
N GLU A 82 -1.64 -0.01 -14.36
CA GLU A 82 -1.33 1.40 -14.52
C GLU A 82 -2.21 2.29 -13.70
N ASN A 83 -3.42 1.85 -13.40
CA ASN A 83 -4.38 2.62 -12.62
C ASN A 83 -4.14 2.34 -11.12
N SER A 84 -2.93 2.63 -10.71
CA SER A 84 -2.44 2.52 -9.36
C SER A 84 -1.71 3.81 -8.99
N SER A 85 -1.71 4.14 -7.70
CA SER A 85 -1.01 5.36 -7.25
C SER A 85 0.50 5.18 -7.37
N LEU A 86 0.95 3.95 -7.17
CA LEU A 86 2.33 3.57 -7.18
C LEU A 86 2.86 3.25 -8.58
N LYS A 87 4.03 3.77 -8.90
CA LYS A 87 4.72 3.47 -10.14
C LYS A 87 5.29 2.06 -10.13
N LYS A 88 5.34 1.40 -11.29
CA LYS A 88 5.77 0.04 -11.38
C LYS A 88 7.25 -0.19 -11.38
N HIS A 89 8.05 0.81 -11.75
CA HIS A 89 9.47 0.58 -11.98
C HIS A 89 10.18 -0.14 -10.88
N TYR A 90 10.02 0.26 -9.64
CA TYR A 90 10.71 -0.33 -8.50
C TYR A 90 9.75 -1.04 -7.56
N TRP A 91 8.85 -1.82 -8.12
CA TRP A 91 7.94 -2.69 -7.42
C TRP A 91 8.19 -4.14 -7.89
N ASN A 92 8.97 -4.88 -7.11
CA ASN A 92 9.37 -6.23 -7.54
C ASN A 92 9.91 -7.01 -6.35
N PHE A 93 10.30 -8.25 -6.59
CA PHE A 93 10.94 -9.05 -5.56
C PHE A 93 12.33 -8.51 -5.27
N ARG A 94 12.88 -8.90 -4.12
CA ARG A 94 14.10 -8.35 -3.60
C ARG A 94 15.39 -8.78 -4.25
N ASN A 95 16.32 -7.79 -4.33
CA ASN A 95 17.72 -8.04 -4.67
C ASN A 95 18.54 -7.06 -3.75
N GLY A 96 19.00 -7.58 -2.63
CA GLY A 96 19.71 -6.68 -1.66
C GLY A 96 18.73 -5.63 -1.15
N ASN A 97 19.12 -4.36 -1.20
CA ASN A 97 18.22 -3.29 -0.78
C ASN A 97 17.48 -2.68 -1.96
N SER A 98 17.47 -3.42 -3.08
CA SER A 98 16.79 -2.96 -4.26
C SER A 98 15.86 -4.04 -4.80
N THR A 99 15.43 -3.87 -6.02
CA THR A 99 14.60 -4.85 -6.70
C THR A 99 15.44 -5.65 -7.67
N ASN A 100 15.00 -6.88 -7.93
CA ASN A 100 15.63 -7.69 -8.98
C ASN A 100 15.37 -7.02 -10.33
N ALA A 101 16.37 -7.07 -11.21
CA ALA A 101 16.28 -6.43 -12.50
C ALA A 101 15.20 -6.99 -13.39
N ASN A 102 14.76 -8.21 -13.16
CA ASN A 102 13.75 -8.84 -14.01
C ASN A 102 12.37 -8.78 -13.36
N PRO A 103 11.42 -8.11 -14.00
CA PRO A 103 10.09 -7.97 -13.43
C PRO A 103 9.40 -9.30 -13.24
N TYR A 104 8.68 -9.44 -12.11
CA TYR A 104 7.88 -10.65 -11.93
C TYR A 104 6.72 -10.69 -12.94
N THR A 105 6.30 -11.92 -13.25
CA THR A 105 5.17 -12.14 -14.12
C THR A 105 3.99 -12.74 -13.39
N ASN A 106 4.21 -13.31 -12.21
CA ASN A 106 3.13 -13.83 -11.40
C ASN A 106 3.42 -13.62 -9.91
N ALA A 107 2.52 -12.91 -9.23
CA ALA A 107 2.63 -12.70 -7.79
C ALA A 107 1.32 -12.99 -7.09
N VAL A 108 0.57 -13.99 -7.59
CA VAL A 108 -0.71 -14.35 -6.98
C VAL A 108 -0.57 -14.79 -5.55
N GLY A 109 0.59 -15.30 -5.16
CA GLY A 109 0.88 -15.67 -3.79
C GLY A 109 0.92 -14.48 -2.82
N PHE A 110 1.05 -13.26 -3.34
CA PHE A 110 1.01 -12.07 -2.52
C PHE A 110 -0.32 -11.36 -2.55
N MET A 111 -1.29 -11.84 -3.34
CA MET A 111 -2.55 -11.11 -3.47
C MET A 111 -3.53 -11.43 -2.38
N PRO A 112 -4.37 -10.48 -1.99
CA PRO A 112 -5.40 -10.72 -1.00
C PRO A 112 -6.39 -11.74 -1.47
N ASN A 113 -6.69 -12.72 -0.62
CA ASN A 113 -7.58 -13.85 -0.96
C ASN A 113 -8.97 -13.38 -1.32
N LEU A 114 -9.44 -13.73 -2.53
CA LEU A 114 -10.76 -13.33 -2.98
C LEU A 114 -11.91 -13.97 -2.25
N LEU A 115 -11.75 -15.16 -1.68
CA LEU A 115 -12.84 -15.73 -0.87
C LEU A 115 -12.94 -15.00 0.46
N ALA A 116 -11.79 -14.68 1.07
CA ALA A 116 -11.80 -13.95 2.34
C ALA A 116 -12.29 -12.52 2.11
N TYR A 117 -11.81 -11.91 1.04
CA TYR A 117 -12.07 -10.50 0.75
C TYR A 117 -12.57 -10.36 -0.68
N PRO A 118 -13.87 -10.53 -0.88
CA PRO A 118 -14.40 -10.53 -2.24
C PRO A 118 -14.36 -9.17 -2.91
N LYS A 119 -14.53 -9.20 -4.23
CA LYS A 119 -14.76 -7.95 -4.98
C LYS A 119 -16.21 -7.55 -4.74
N THR A 120 -16.45 -6.31 -4.32
CA THR A 120 -17.80 -5.84 -4.02
C THR A 120 -17.82 -4.32 -3.95
N GLN A 121 -19.00 -3.73 -4.13
CA GLN A 121 -19.09 -2.26 -3.97
C GLN A 121 -19.67 -1.93 -2.59
N SER A 122 -19.90 -2.97 -1.79
CA SER A 122 -20.35 -2.78 -0.41
C SER A 122 -19.11 -2.71 0.52
N GLN A 123 -19.21 -1.96 1.59
CA GLN A 123 -18.14 -1.83 2.57
C GLN A 123 -18.17 -2.97 3.59
N THR A 124 -17.85 -4.16 3.12
CA THR A 124 -17.85 -5.37 3.99
C THR A 124 -16.76 -5.25 5.03
N ALA A 125 -17.10 -5.39 6.32
CA ALA A 125 -16.16 -5.09 7.38
C ALA A 125 -14.88 -5.90 7.31
N LYS A 126 -15.00 -7.18 7.02
CA LYS A 126 -13.82 -8.07 6.96
C LYS A 126 -12.82 -7.68 5.92
N ASN A 127 -13.23 -7.02 4.83
CA ASN A 127 -12.33 -6.57 3.81
C ASN A 127 -11.40 -5.45 4.28
N ASN A 128 -11.72 -4.82 5.40
CA ASN A 128 -10.95 -3.70 5.87
C ASN A 128 -10.18 -4.01 7.16
N ILE A 129 -9.10 -3.29 7.34
CA ILE A 129 -8.33 -3.26 8.58
C ILE A 129 -8.33 -1.78 9.03
N VAL A 130 -8.84 -1.47 10.18
CA VAL A 130 -9.04 -0.07 10.57
C VAL A 130 -8.46 0.22 11.93
N SER A 131 -7.53 1.17 12.00
CA SER A 131 -6.82 1.52 13.17
C SER A 131 -6.64 3.04 13.33
N GLN A 132 -6.55 3.50 14.54
CA GLN A 132 -6.15 4.87 14.80
C GLN A 132 -4.61 4.96 14.77
N VAL A 133 -4.13 5.90 13.99
CA VAL A 133 -2.71 6.19 13.85
C VAL A 133 -2.47 7.69 14.08
N TYR A 134 -1.22 8.12 14.08
CA TYR A 134 -0.90 9.51 14.43
C TYR A 134 0.00 10.17 13.42
N LEU A 135 -0.44 11.35 12.98
CA LEU A 135 0.37 12.13 12.01
C LEU A 135 1.67 12.53 12.69
N HIS A 136 2.81 12.19 12.05
CA HIS A 136 4.10 12.50 12.62
C HIS A 136 4.30 11.90 14.00
N GLY A 137 3.56 10.85 14.34
CA GLY A 137 3.70 10.21 15.64
C GLY A 137 3.25 11.10 16.79
N ASP A 138 2.42 12.10 16.49
CA ASP A 138 1.97 13.04 17.52
C ASP A 138 0.61 12.63 18.04
N LYS A 139 0.50 12.33 19.32
CA LYS A 139 -0.71 11.88 19.96
C LYS A 139 -1.87 12.86 19.80
N THR A 140 -1.54 14.14 19.57
CA THR A 140 -2.57 15.15 19.43
C THR A 140 -3.05 15.29 18.00
N LYS A 141 -2.50 14.49 17.08
CA LYS A 141 -2.88 14.55 15.67
C LYS A 141 -3.28 13.19 15.14
N PRO A 142 -4.34 12.60 15.71
CA PRO A 142 -4.84 11.33 15.26
C PRO A 142 -5.42 11.36 13.85
N MET A 143 -5.30 10.21 13.20
CA MET A 143 -5.94 9.93 11.94
C MET A 143 -6.50 8.48 12.02
N ILE A 144 -7.35 8.15 11.10
CA ILE A 144 -7.81 6.76 10.96
C ILE A 144 -7.20 6.17 9.69
N LEU A 145 -6.51 5.06 9.80
CA LEU A 145 -6.04 4.33 8.64
C LEU A 145 -7.05 3.19 8.32
N THR A 146 -7.58 3.22 7.12
CA THR A 146 -8.44 2.17 6.61
C THR A 146 -7.75 1.46 5.44
N ILE A 147 -7.31 0.24 5.67
CA ILE A 147 -6.78 -0.60 4.58
C ILE A 147 -7.94 -1.41 4.01
N THR A 148 -8.11 -1.34 2.71
CA THR A 148 -9.15 -2.13 2.04
C THR A 148 -8.42 -3.21 1.19
N LEU A 149 -8.93 -4.42 1.31
CA LEU A 149 -8.40 -5.58 0.58
C LEU A 149 -9.47 -5.97 -0.45
N ASN A 150 -9.08 -5.96 -1.70
CA ASN A 150 -10.08 -6.20 -2.79
C ASN A 150 -11.28 -5.32 -2.52
N GLY A 151 -12.50 -5.85 -2.57
CA GLY A 151 -13.67 -5.05 -2.20
C GLY A 151 -13.76 -3.74 -2.94
N THR A 152 -14.04 -2.65 -2.21
CA THR A 152 -14.19 -1.34 -2.76
C THR A 152 -12.91 -0.72 -3.29
N SER A 153 -11.77 -1.36 -3.11
CA SER A 153 -10.51 -0.84 -3.68
C SER A 153 -10.31 -1.33 -5.11
N GLU A 154 -11.16 -2.26 -5.58
CA GLU A 154 -11.04 -2.78 -6.92
C GLU A 154 -11.42 -1.72 -7.96
N SER A 155 -10.71 -1.73 -9.09
CA SER A 155 -11.13 -0.88 -10.21
C SER A 155 -12.12 -1.66 -11.09
N THR A 156 -13.16 -0.94 -11.51
CA THR A 156 -14.15 -1.50 -12.40
C THR A 156 -14.19 -0.71 -13.73
N GLU A 157 -13.28 0.25 -13.86
CA GLU A 157 -13.22 1.10 -15.05
C GLU A 157 -13.03 0.27 -16.31
N THR A 158 -13.81 0.58 -17.33
CA THR A 158 -13.73 -0.09 -18.62
C THR A 158 -12.29 -0.26 -19.08
N SER A 159 -11.89 -1.45 -19.45
CA SER A 159 -10.60 -1.82 -19.92
C SER A 159 -9.51 -1.86 -18.87
N GLU A 160 -9.80 -1.53 -17.63
CA GLU A 160 -8.81 -1.51 -16.56
C GLU A 160 -9.41 -2.11 -15.28
N VAL A 161 -10.07 -3.25 -15.47
CA VAL A 161 -10.71 -3.98 -14.42
C VAL A 161 -9.69 -4.85 -13.67
N SER A 162 -9.46 -4.54 -12.40
CA SER A 162 -8.52 -5.30 -11.61
C SER A 162 -9.11 -6.60 -11.09
N THR A 163 -8.21 -7.55 -10.82
CA THR A 163 -8.63 -8.81 -10.21
C THR A 163 -8.43 -8.75 -8.70
N TYR A 164 -7.30 -8.22 -8.28
CA TYR A 164 -6.96 -8.02 -6.88
C TYR A 164 -6.64 -6.54 -6.65
N SER A 165 -6.69 -6.11 -5.41
CA SER A 165 -6.38 -4.70 -5.14
C SER A 165 -6.22 -4.48 -3.63
N MET A 166 -5.53 -3.39 -3.32
CA MET A 166 -5.51 -2.93 -1.92
C MET A 166 -5.38 -1.41 -1.92
N SER A 167 -6.04 -0.79 -0.94
CA SER A 167 -5.94 0.66 -0.79
C SER A 167 -5.61 1.01 0.65
N PHE A 168 -4.95 2.15 0.79
CA PHE A 168 -4.57 2.69 2.07
C PHE A 168 -5.16 4.11 2.18
N THR A 169 -6.12 4.29 3.06
CA THR A 169 -6.75 5.59 3.17
C THR A 169 -6.60 6.14 4.59
N TRP A 170 -5.94 7.27 4.69
CA TRP A 170 -5.83 7.97 5.97
C TRP A 170 -6.87 9.09 5.97
N SER A 171 -7.67 9.14 7.01
CA SER A 171 -8.70 10.17 7.10
C SER A 171 -8.65 10.84 8.46
N TRP A 172 -9.13 12.09 8.50
CA TRP A 172 -9.09 12.85 9.75
C TRP A 172 -10.24 13.86 9.78
N GLU A 173 -10.36 14.57 10.87
CA GLU A 173 -11.45 15.53 11.04
C GLU A 173 -11.34 16.66 10.04
N SER A 174 -12.45 16.96 9.37
CA SER A 174 -12.48 18.02 8.37
C SER A 174 -11.99 19.33 8.98
N GLY A 175 -11.18 20.07 8.22
CA GLY A 175 -10.67 21.35 8.61
C GLY A 175 -9.36 21.33 9.32
N LYS A 176 -8.89 20.13 9.75
CA LYS A 176 -7.65 20.03 10.47
C LYS A 176 -6.47 19.68 9.59
N TYR A 177 -5.27 19.97 10.07
CA TYR A 177 -4.02 19.62 9.50
C TYR A 177 -3.70 20.22 8.15
N THR A 178 -4.31 21.32 7.76
CA THR A 178 -4.06 21.88 6.42
C THR A 178 -2.65 22.30 6.19
N THR A 179 -1.92 22.75 7.21
CA THR A 179 -0.55 23.21 7.02
C THR A 179 0.48 22.16 7.37
N GLU A 180 0.04 20.95 7.73
CA GLU A 180 0.97 19.89 8.07
C GLU A 180 1.48 19.17 6.83
N THR A 181 2.68 18.63 6.94
CA THR A 181 3.23 17.76 5.90
C THR A 181 2.74 16.33 6.20
N PHE A 182 2.26 15.64 5.17
CA PHE A 182 1.79 14.26 5.39
C PHE A 182 2.97 13.31 5.57
N ALA A 183 3.04 12.71 6.76
CA ALA A 183 4.12 11.75 7.02
C ALA A 183 3.61 10.75 8.08
N THR A 184 3.55 9.50 7.70
CA THR A 184 3.02 8.48 8.58
C THR A 184 4.12 7.65 9.24
N ASN A 185 3.76 7.11 10.40
CA ASN A 185 4.60 6.12 11.07
C ASN A 185 4.46 4.77 10.36
N SER A 186 5.51 3.97 10.46
CA SER A 186 5.47 2.61 9.94
C SER A 186 4.32 1.86 10.64
N TYR A 187 3.60 1.09 9.83
CA TYR A 187 2.42 0.37 10.30
C TYR A 187 2.41 -1.05 9.80
N THR A 188 2.16 -2.00 10.69
CA THR A 188 2.17 -3.41 10.40
C THR A 188 0.77 -3.99 10.28
N PHE A 189 0.59 -4.85 9.29
CA PHE A 189 -0.67 -5.57 9.14
C PHE A 189 -0.40 -6.90 8.42
N SER A 190 -1.40 -7.76 8.41
CA SER A 190 -1.30 -9.00 7.64
C SER A 190 -2.67 -9.24 6.94
N TYR A 191 -2.66 -10.09 5.97
CA TYR A 191 -3.89 -10.51 5.31
C TYR A 191 -3.72 -11.92 4.73
N ILE A 192 -4.88 -12.56 4.51
CA ILE A 192 -4.90 -13.89 3.95
C ILE A 192 -4.54 -13.83 2.47
N ALA A 193 -3.62 -14.72 2.06
CA ALA A 193 -3.16 -14.70 0.66
C ALA A 193 -4.06 -15.55 -0.22
N GLN A 194 -4.08 -15.24 -1.51
CA GLN A 194 -4.90 -15.97 -2.48
C GLN A 194 -4.42 -17.39 -2.66
N GLU A 195 -3.14 -17.62 -2.60
CA GLU A 195 -2.58 -18.99 -2.72
C GLU A 195 -1.21 -19.03 -2.06
#